data_5JJ0
#
_entry.id   5JJ0
#
_cell.length_a   56.667
_cell.length_b   78.311
_cell.length_c   73.056
_cell.angle_alpha   90.00
_cell.angle_beta   90.20
_cell.angle_gamma   90.00
#
_symmetry.space_group_name_H-M   'P 1 21 1'
#
loop_
_entity.id
_entity.type
_entity.pdbx_description
1 polymer 'Histone-lysine N-methyltransferase EHMT2'
2 polymer 'Histone H3K9M mutant peptide'
3 non-polymer 'ZINC ION'
4 non-polymer S-ADENOSYLMETHIONINE
5 water water
#
loop_
_entity_poly.entity_id
_entity_poly.type
_entity_poly.pdbx_seq_one_letter_code
_entity_poly.pdbx_strand_id
1 'polypeptide(L)'
;IRTEKIICRDVARGYENVPIPCVNGVDGEPCPEDYKYISENCETSTMNIDRNITHLQHCTCVDDCSSSNCLCGQLSIRCW
YDKDGRLLQEFNKIEPPLIFECNQACSCWRNCKNRVVQSGIKVRLQLYRTAKMGWGVRALQTIPQGTFICEYVGELISDA
EADVREDDSYLFDLDNKDGEVYCIDARYYGNISRFINHLCDPNIIPVRVFMLHQDLRFPRIAFFSSRDIRTGEELGFDYG
DRFWDIKSKYFTCQCGSEKCKHSAEAIALEQSRL
;
A,B
2 'polypeptide(L)' TKQTARMSTGG F,G
#
loop_
_chem_comp.id
_chem_comp.type
_chem_comp.name
_chem_comp.formula
SAM non-polymer S-ADENOSYLMETHIONINE 'C15 H22 N6 O5 S'
ZN non-polymer 'ZINC ION' 'Zn 2'
#
# COMPACT_ATOMS: atom_id res chain seq x y z
N ILE A 1 -1.93 -43.26 15.80
CA ILE A 1 -1.21 -41.92 15.83
C ILE A 1 -1.62 -41.11 14.59
N ARG A 2 -2.19 -39.94 14.81
CA ARG A 2 -2.60 -39.07 13.69
C ARG A 2 -1.34 -38.28 13.19
N THR A 3 -1.11 -38.23 11.87
CA THR A 3 0.06 -37.49 11.32
C THR A 3 -0.24 -35.97 11.28
N GLU A 4 0.78 -35.13 11.36
CA GLU A 4 0.57 -33.71 11.13
C GLU A 4 0.56 -33.51 9.64
N LYS A 5 -0.53 -32.99 9.10
CA LYS A 5 -0.59 -32.66 7.68
C LYS A 5 -0.39 -31.13 7.34
N ILE A 6 0.26 -30.83 6.23
CA ILE A 6 0.29 -29.48 5.74
C ILE A 6 -0.95 -29.30 4.85
N ILE A 7 -1.81 -28.43 5.29
CA ILE A 7 -3.11 -28.23 4.60
C ILE A 7 -3.27 -26.94 3.81
N CYS A 8 -2.32 -26.02 3.94
CA CYS A 8 -2.27 -24.87 3.08
C CYS A 8 -0.87 -24.46 3.09
N ARG A 9 -0.32 -24.26 1.90
CA ARG A 9 1.08 -23.76 1.84
C ARG A 9 1.19 -22.29 2.28
N ASP A 10 0.13 -21.48 2.12
CA ASP A 10 0.23 -20.02 2.47
C ASP A 10 -1.13 -19.45 2.56
N VAL A 11 -1.60 -19.31 3.79
CA VAL A 11 -2.99 -18.81 3.98
C VAL A 11 -3.14 -17.39 3.46
N ALA A 12 -2.02 -16.67 3.30
CA ALA A 12 -2.01 -15.25 2.84
C ALA A 12 -1.99 -15.18 1.26
N ARG A 13 -1.99 -16.35 0.58
CA ARG A 13 -1.99 -16.37 -0.92
C ARG A 13 -0.96 -15.35 -1.51
N GLY A 14 0.23 -15.28 -0.94
CA GLY A 14 1.28 -14.44 -1.47
C GLY A 14 1.27 -13.00 -1.09
N TYR A 15 0.33 -12.58 -0.25
CA TYR A 15 0.22 -11.21 0.12
C TYR A 15 1.22 -10.71 1.19
N GLU A 16 1.82 -11.60 1.97
CA GLU A 16 2.74 -11.19 3.02
C GLU A 16 4.15 -11.32 2.48
N ASN A 17 5.10 -10.72 3.21
CA ASN A 17 6.54 -10.94 2.86
C ASN A 17 7.00 -12.38 2.90
N VAL A 18 6.33 -13.20 3.73
CA VAL A 18 6.66 -14.60 3.94
C VAL A 18 5.41 -15.41 3.79
N PRO A 19 5.54 -16.70 3.49
CA PRO A 19 4.38 -17.57 3.56
C PRO A 19 3.99 -17.87 5.01
N ILE A 20 2.69 -18.11 5.17
CA ILE A 20 2.10 -18.49 6.43
C ILE A 20 1.36 -19.80 6.21
N PRO A 21 2.08 -20.92 6.34
CA PRO A 21 1.41 -22.21 6.20
C PRO A 21 0.50 -22.60 7.32
N CYS A 22 -0.32 -23.61 7.04
CA CYS A 22 -1.32 -24.17 7.92
C CYS A 22 -1.19 -25.69 7.99
N VAL A 23 -1.05 -26.16 9.23
CA VAL A 23 -0.99 -27.56 9.57
C VAL A 23 -2.05 -28.04 10.53
N ASN A 24 -2.29 -29.34 10.50
CA ASN A 24 -3.16 -30.00 11.44
C ASN A 24 -2.67 -31.41 11.78
N GLY A 25 -2.35 -31.57 13.07
CA GLY A 25 -1.88 -32.86 13.65
C GLY A 25 -2.81 -33.35 14.74
N VAL A 26 -4.02 -32.76 14.83
CA VAL A 26 -4.96 -32.98 15.96
C VAL A 26 -6.28 -33.64 15.54
N ASP A 27 -6.89 -33.18 14.44
CA ASP A 27 -8.26 -33.64 14.06
C ASP A 27 -8.40 -33.52 12.56
N GLY A 28 -9.64 -33.62 12.11
CA GLY A 28 -9.96 -33.72 10.72
C GLY A 28 -10.35 -32.41 10.11
N GLU A 29 -10.25 -31.30 10.85
CA GLU A 29 -10.67 -29.98 10.34
C GLU A 29 -9.79 -29.48 9.19
N PRO A 30 -10.38 -29.13 8.01
CA PRO A 30 -9.58 -28.70 6.88
C PRO A 30 -9.26 -27.22 7.09
N CYS A 31 -8.44 -26.69 6.20
CA CYS A 31 -7.96 -25.31 6.34
C CYS A 31 -9.19 -24.41 6.44
N PRO A 32 -9.18 -23.42 7.35
CA PRO A 32 -10.36 -22.57 7.51
C PRO A 32 -10.53 -21.62 6.35
N GLU A 33 -11.74 -21.60 5.77
CA GLU A 33 -12.02 -20.84 4.54
C GLU A 33 -13.36 -20.08 4.65
N ASP A 34 -13.81 -19.90 5.88
CA ASP A 34 -15.00 -19.11 6.16
C ASP A 34 -14.67 -17.62 6.34
N TYR A 35 -13.65 -17.10 5.73
CA TYR A 35 -13.32 -15.70 5.86
C TYR A 35 -12.46 -15.35 4.65
N LYS A 36 -12.19 -14.06 4.45
CA LYS A 36 -11.39 -13.61 3.37
C LYS A 36 -10.05 -13.13 3.89
N TYR A 37 -8.93 -13.78 3.57
CA TYR A 37 -7.64 -13.18 3.92
C TYR A 37 -7.35 -11.86 3.22
N ILE A 38 -7.07 -10.83 4.00
CA ILE A 38 -6.62 -9.51 3.54
C ILE A 38 -5.37 -9.17 4.32
N SER A 39 -4.43 -8.54 3.67
CA SER A 39 -3.19 -8.13 4.39
C SER A 39 -3.27 -6.74 4.96
N GLU A 40 -4.26 -5.93 4.55
CA GLU A 40 -4.38 -4.54 5.03
C GLU A 40 -5.81 -4.28 5.35
N ASN A 41 -6.05 -3.41 6.33
CA ASN A 41 -7.46 -3.20 6.73
C ASN A 41 -8.36 -2.78 5.57
N CYS A 42 -9.60 -3.23 5.61
CA CYS A 42 -10.57 -2.85 4.53
C CYS A 42 -11.74 -2.07 5.10
N GLU A 43 -12.57 -1.51 4.21
CA GLU A 43 -13.79 -0.76 4.58
C GLU A 43 -14.93 -1.38 3.85
N THR A 44 -16.09 -1.41 4.46
CA THR A 44 -17.32 -1.84 3.86
C THR A 44 -18.40 -0.75 3.95
N SER A 45 -18.07 0.42 4.47
CA SER A 45 -18.95 1.61 4.37
C SER A 45 -17.94 2.73 4.44
N THR A 46 -18.40 3.94 4.20
CA THR A 46 -17.53 5.08 4.12
C THR A 46 -17.06 5.52 5.51
N MET A 47 -15.75 5.57 5.71
CA MET A 47 -15.12 5.93 6.99
C MET A 47 -14.52 7.37 6.97
N ASN A 48 -14.30 7.93 5.78
CA ASN A 48 -13.76 9.29 5.67
C ASN A 48 -12.54 9.46 6.54
N ILE A 49 -11.65 8.49 6.42
CA ILE A 49 -10.41 8.61 7.03
C ILE A 49 -9.67 9.84 6.45
N ASP A 50 -9.06 10.60 7.32
CA ASP A 50 -8.30 11.79 6.88
C ASP A 50 -6.97 11.38 6.26
N ARG A 51 -6.91 11.49 4.94
CA ARG A 51 -5.75 11.15 4.19
C ARG A 51 -5.06 12.39 3.57
N ASN A 52 -5.43 13.59 3.97
CA ASN A 52 -4.83 14.79 3.38
C ASN A 52 -3.35 14.81 3.73
N ILE A 53 -2.49 14.76 2.71
CA ILE A 53 -1.04 14.70 2.93
C ILE A 53 -0.50 15.91 3.72
N THR A 54 -1.15 17.06 3.64
CA THR A 54 -0.68 18.30 4.27
C THR A 54 -1.06 18.26 5.75
N HIS A 55 -1.93 17.30 6.16
CA HIS A 55 -2.26 17.18 7.63
C HIS A 55 -1.24 16.37 8.40
N LEU A 56 -0.29 15.74 7.68
CA LEU A 56 0.71 14.88 8.34
C LEU A 56 1.70 15.68 9.11
N GLN A 57 1.88 15.33 10.39
CA GLN A 57 3.11 15.71 11.09
C GLN A 57 4.21 14.84 10.53
N HIS A 58 5.38 15.45 10.33
CA HIS A 58 6.43 14.80 9.59
C HIS A 58 7.76 15.39 10.00
N CYS A 59 8.83 14.64 9.78
CA CYS A 59 10.18 15.12 10.20
C CYS A 59 10.94 15.74 9.05
N THR A 60 12.00 16.47 9.44
CA THR A 60 12.88 17.16 8.53
C THR A 60 14.24 16.49 8.54
N CYS A 61 14.30 15.24 8.99
CA CYS A 61 15.57 14.54 9.15
C CYS A 61 16.18 14.27 7.79
N VAL A 62 17.49 14.39 7.78
CA VAL A 62 18.35 13.98 6.69
C VAL A 62 19.32 12.87 7.16
N ASP A 63 19.20 12.46 8.44
CA ASP A 63 19.76 11.22 9.02
C ASP A 63 18.97 10.00 8.56
N ASP A 64 19.22 8.86 9.21
CA ASP A 64 18.34 7.66 9.21
C ASP A 64 17.26 7.70 10.32
N CYS A 65 16.97 8.91 10.81
CA CYS A 65 16.03 9.19 11.84
C CYS A 65 16.41 8.57 13.18
N SER A 66 17.70 8.53 13.52
CA SER A 66 18.06 7.98 14.83
C SER A 66 18.37 9.05 15.88
N SER A 67 18.30 10.34 15.52
CA SER A 67 18.59 11.42 16.49
C SER A 67 17.34 11.83 17.24
N SER A 68 17.55 12.51 18.36
CA SER A 68 16.43 12.98 19.20
C SER A 68 15.73 14.19 18.56
N ASN A 69 16.15 14.59 17.37
CA ASN A 69 15.52 15.69 16.66
C ASN A 69 14.47 15.28 15.68
N CYS A 70 14.17 13.98 15.62
CA CYS A 70 13.17 13.48 14.70
C CYS A 70 11.86 13.84 15.29
N LEU A 71 11.09 14.65 14.58
CA LEU A 71 9.80 15.09 15.10
C LEU A 71 8.92 13.86 15.28
N CYS A 72 8.96 12.94 14.31
CA CYS A 72 8.19 11.67 14.43
C CYS A 72 8.44 10.89 15.75
N GLY A 73 9.70 10.63 16.07
CA GLY A 73 10.12 10.10 17.38
C GLY A 73 9.54 10.89 18.53
N GLN A 74 9.78 12.21 18.51
CA GLN A 74 9.22 13.10 19.55
C GLN A 74 7.76 12.98 19.76
N LEU A 75 6.97 12.65 18.74
CA LEU A 75 5.54 12.48 18.94
C LEU A 75 5.10 11.35 19.86
N SER A 76 6.01 10.39 20.11
CA SER A 76 5.84 9.36 21.17
C SER A 76 6.87 9.48 22.30
N ILE A 77 7.26 10.72 22.56
CA ILE A 77 8.33 11.11 23.49
C ILE A 77 9.68 10.85 22.83
N ARG A 78 9.91 9.61 22.40
CA ARG A 78 11.12 9.27 21.60
C ARG A 78 10.74 8.12 20.65
N CYS A 79 11.61 7.79 19.70
CA CYS A 79 11.51 6.60 18.88
C CYS A 79 11.89 5.41 19.76
N TRP A 80 11.04 4.40 19.72
CA TRP A 80 11.18 3.25 20.60
C TRP A 80 11.86 2.07 19.95
N TYR A 81 12.21 2.21 18.68
CA TYR A 81 12.86 1.17 17.96
C TYR A 81 14.40 1.30 18.05
N ASP A 82 15.05 0.18 18.32
CA ASP A 82 16.53 0.07 18.26
C ASP A 82 17.05 -0.11 16.82
N LYS A 83 18.38 -0.13 16.65
CA LYS A 83 18.99 -0.28 15.32
C LYS A 83 18.52 -1.49 14.44
N ASP A 84 17.99 -2.54 15.08
CA ASP A 84 17.40 -3.72 14.43
C ASP A 84 15.85 -3.72 14.35
N GLY A 85 15.20 -2.62 14.71
CA GLY A 85 13.73 -2.51 14.61
C GLY A 85 12.94 -3.08 15.78
N ARG A 86 13.58 -3.25 16.96
CA ARG A 86 12.91 -3.85 18.12
C ARG A 86 12.64 -2.79 19.17
N LEU A 87 11.58 -2.98 19.91
CA LEU A 87 11.26 -2.07 20.98
C LEU A 87 12.36 -2.10 22.03
N LEU A 88 12.66 -0.93 22.54
CA LEU A 88 13.70 -0.80 23.55
C LEU A 88 13.19 -1.55 24.77
N GLN A 89 14.12 -2.13 25.52
CA GLN A 89 13.83 -2.76 26.81
C GLN A 89 12.96 -1.90 27.77
N GLU A 90 13.18 -0.58 27.81
CA GLU A 90 12.37 0.33 28.68
C GLU A 90 10.98 0.65 28.17
N PHE A 91 10.61 0.12 27.00
CA PHE A 91 9.29 0.42 26.45
C PHE A 91 8.22 0.07 27.48
N ASN A 92 7.25 0.96 27.65
CA ASN A 92 6.19 0.69 28.58
C ASN A 92 5.21 -0.37 28.06
N LYS A 93 5.39 -1.59 28.56
CA LYS A 93 4.63 -2.74 28.13
C LYS A 93 3.25 -2.86 28.77
N ILE A 94 2.97 -2.03 29.78
CA ILE A 94 1.69 -2.01 30.49
C ILE A 94 0.73 -1.02 29.82
N GLU A 95 1.14 0.25 29.74
CA GLU A 95 0.42 1.33 29.02
C GLU A 95 1.29 1.80 27.83
N PRO A 96 1.23 1.10 26.69
CA PRO A 96 2.11 1.57 25.63
C PRO A 96 1.75 2.95 25.10
N PRO A 97 2.72 3.74 24.66
CA PRO A 97 2.49 5.04 23.99
C PRO A 97 1.99 4.79 22.57
N LEU A 98 1.50 5.84 21.92
CA LEU A 98 1.14 5.77 20.49
C LEU A 98 2.39 5.92 19.72
N ILE A 99 2.65 5.06 18.75
CA ILE A 99 3.76 5.18 17.90
C ILE A 99 3.38 5.90 16.61
N PHE A 100 4.17 6.92 16.27
CA PHE A 100 4.11 7.62 14.95
C PHE A 100 5.32 7.26 14.11
N GLU A 101 5.13 6.39 13.14
CA GLU A 101 6.22 6.04 12.23
C GLU A 101 6.31 7.16 11.17
N CYS A 102 7.40 7.15 10.45
CA CYS A 102 7.63 8.17 9.38
C CYS A 102 6.68 7.85 8.23
N ASN A 103 6.48 8.81 7.36
CA ASN A 103 5.41 8.75 6.36
C ASN A 103 5.87 9.37 5.07
N GLN A 104 4.96 9.54 4.11
CA GLN A 104 5.33 10.05 2.78
C GLN A 104 5.71 11.52 2.81
N ALA A 105 5.36 12.26 3.88
CA ALA A 105 5.69 13.72 3.99
C ALA A 105 7.06 13.98 4.62
N CYS A 106 7.62 12.95 5.23
CA CYS A 106 8.94 13.07 5.87
C CYS A 106 10.03 13.24 4.80
N SER A 107 11.13 13.87 5.15
CA SER A 107 12.20 14.11 4.20
C SER A 107 13.15 12.91 4.14
N CYS A 108 12.99 12.01 5.10
CA CYS A 108 13.86 10.88 5.25
C CYS A 108 13.61 9.86 4.17
N TRP A 109 14.46 8.86 4.12
CA TRP A 109 14.33 7.77 3.21
C TRP A 109 13.41 6.62 3.68
N ARG A 110 12.97 5.80 2.74
CA ARG A 110 12.08 4.65 3.03
C ARG A 110 12.63 3.63 4.01
N ASN A 111 13.95 3.51 4.12
CA ASN A 111 14.56 2.55 5.02
C ASN A 111 15.09 3.19 6.32
N CYS A 112 14.55 4.34 6.72
CA CYS A 112 14.91 4.97 7.97
C CYS A 112 14.56 4.09 9.16
N LYS A 113 15.04 4.46 10.35
CA LYS A 113 14.85 3.58 11.55
C LYS A 113 13.45 3.55 12.19
N ASN A 114 12.56 4.42 11.68
CA ASN A 114 11.27 4.63 12.22
C ASN A 114 10.17 4.15 11.25
N ARG A 115 10.39 2.98 10.63
CA ARG A 115 9.45 2.32 9.66
C ARG A 115 9.15 0.79 9.83
N VAL A 116 9.08 0.35 11.06
CA VAL A 116 9.08 -1.08 11.30
C VAL A 116 7.78 -1.75 10.91
N VAL A 117 6.71 -1.20 11.43
CA VAL A 117 5.40 -1.81 11.21
C VAL A 117 5.02 -1.69 9.74
N GLN A 118 5.42 -0.63 9.08
CA GLN A 118 4.98 -0.45 7.69
C GLN A 118 5.73 -1.35 6.77
N SER A 119 6.85 -1.93 7.23
CA SER A 119 7.63 -2.88 6.44
C SER A 119 7.07 -4.32 6.48
N GLY A 120 6.04 -4.57 7.29
CA GLY A 120 5.40 -5.89 7.32
C GLY A 120 6.02 -7.05 8.07
N ILE A 121 5.45 -8.22 7.86
CA ILE A 121 5.84 -9.42 8.58
C ILE A 121 7.21 -9.90 8.17
N LYS A 122 8.03 -10.17 9.18
CA LYS A 122 9.36 -10.74 8.96
C LYS A 122 9.58 -12.07 9.65
N VAL A 123 8.88 -12.37 10.75
CA VAL A 123 9.14 -13.65 11.45
C VAL A 123 8.33 -14.73 10.78
N ARG A 124 8.79 -15.98 10.90
CA ARG A 124 8.08 -17.11 10.37
C ARG A 124 7.08 -17.65 11.37
N LEU A 125 5.81 -17.64 10.94
CA LEU A 125 4.66 -18.02 11.73
C LEU A 125 3.96 -19.15 11.07
N GLN A 126 3.21 -19.87 11.85
CA GLN A 126 2.43 -20.99 11.36
C GLN A 126 1.04 -21.06 11.99
N LEU A 127 0.00 -21.19 11.16
CA LEU A 127 -1.34 -21.54 11.59
C LEU A 127 -1.43 -23.06 11.88
N TYR A 128 -1.85 -23.42 13.07
CA TYR A 128 -1.90 -24.82 13.47
C TYR A 128 -3.11 -25.14 14.31
N ARG A 129 -3.45 -26.42 14.38
CA ARG A 129 -4.58 -26.84 15.13
C ARG A 129 -4.16 -27.11 16.59
N THR A 130 -4.73 -26.39 17.55
CA THR A 130 -4.46 -26.66 18.95
C THR A 130 -5.37 -27.75 19.48
N ALA A 131 -5.05 -28.24 20.66
CA ALA A 131 -5.82 -29.30 21.29
C ALA A 131 -7.22 -28.84 21.73
N LYS A 132 -7.29 -27.66 22.32
CA LYS A 132 -8.50 -27.19 22.99
C LYS A 132 -9.04 -25.83 22.56
N MET A 133 -8.29 -25.09 21.73
CA MET A 133 -8.61 -23.70 21.41
C MET A 133 -8.74 -23.46 19.92
N GLY A 134 -9.22 -24.48 19.20
CA GLY A 134 -9.36 -24.41 17.74
C GLY A 134 -8.02 -24.13 17.05
N TRP A 135 -8.06 -23.23 16.07
CA TRP A 135 -6.82 -22.73 15.41
C TRP A 135 -6.04 -21.77 16.29
N GLY A 136 -4.69 -21.82 16.23
CA GLY A 136 -3.80 -20.81 16.87
C GLY A 136 -2.62 -20.54 15.97
N VAL A 137 -1.76 -19.61 16.35
CA VAL A 137 -0.61 -19.30 15.60
C VAL A 137 0.60 -19.53 16.50
N ARG A 138 1.57 -20.19 15.95
CA ARG A 138 2.84 -20.39 16.65
C ARG A 138 4.05 -19.88 15.86
N ALA A 139 5.14 -19.71 16.58
CA ALA A 139 6.40 -19.25 15.98
C ALA A 139 7.20 -20.43 15.42
N LEU A 140 7.83 -20.26 14.25
CA LEU A 140 8.71 -21.27 13.68
C LEU A 140 10.18 -20.96 13.92
N GLN A 141 10.46 -20.03 14.81
CA GLN A 141 11.83 -19.54 15.04
C GLN A 141 11.83 -18.88 16.39
N THR A 142 13.02 -18.61 16.91
CA THR A 142 13.13 -17.75 18.09
C THR A 142 12.84 -16.31 17.76
N ILE A 143 12.16 -15.58 18.65
CA ILE A 143 11.78 -14.21 18.44
C ILE A 143 12.24 -13.39 19.65
N PRO A 144 13.26 -12.53 19.49
CA PRO A 144 13.62 -11.65 20.64
C PRO A 144 12.58 -10.65 21.10
N GLN A 145 12.58 -10.35 22.41
CA GLN A 145 11.69 -9.38 22.99
C GLN A 145 11.66 -8.13 22.14
N GLY A 146 10.47 -7.57 21.90
CA GLY A 146 10.33 -6.25 21.23
C GLY A 146 10.22 -6.29 19.70
N THR A 147 10.09 -7.48 19.16
CA THR A 147 10.09 -7.66 17.73
C THR A 147 8.64 -7.51 17.25
N PHE A 148 8.46 -6.84 16.14
CA PHE A 148 7.18 -6.77 15.46
C PHE A 148 6.78 -8.13 14.90
N ILE A 149 5.56 -8.56 15.18
CA ILE A 149 5.07 -9.92 14.80
C ILE A 149 4.09 -9.81 13.60
N CYS A 150 3.00 -9.07 13.81
CA CYS A 150 1.98 -8.85 12.78
C CYS A 150 1.03 -7.81 13.27
N GLU A 151 0.23 -7.30 12.33
CA GLU A 151 -0.86 -6.35 12.67
C GLU A 151 -2.21 -7.07 12.83
N TYR A 152 -3.09 -6.56 13.70
CA TYR A 152 -4.48 -7.03 13.73
C TYR A 152 -5.27 -6.35 12.63
N VAL A 153 -5.44 -7.06 11.54
CA VAL A 153 -6.08 -6.51 10.31
C VAL A 153 -7.50 -7.02 10.19
N GLY A 154 -8.42 -6.18 9.72
CA GLY A 154 -9.78 -6.63 9.43
C GLY A 154 -10.60 -5.51 8.81
N GLU A 155 -11.91 -5.57 9.05
CA GLU A 155 -12.91 -4.68 8.52
C GLU A 155 -13.20 -3.56 9.51
N LEU A 156 -13.06 -2.32 9.07
CA LEU A 156 -13.24 -1.21 9.98
C LEU A 156 -14.69 -0.97 10.11
N ILE A 157 -15.19 -0.95 11.35
CA ILE A 157 -16.61 -0.70 11.56
C ILE A 157 -16.81 0.26 12.69
N SER A 158 -17.99 0.89 12.71
CA SER A 158 -18.31 1.74 13.86
C SER A 158 -18.59 0.97 15.12
N ASP A 159 -18.49 1.67 16.26
CA ASP A 159 -18.85 1.11 17.57
C ASP A 159 -20.30 0.59 17.54
N ALA A 160 -21.25 1.34 16.94
CA ALA A 160 -22.66 0.92 16.86
C ALA A 160 -22.86 -0.32 16.01
N GLU A 161 -22.14 -0.35 14.89
CA GLU A 161 -22.14 -1.54 14.06
C GLU A 161 -21.57 -2.76 14.84
N ALA A 162 -20.48 -2.55 15.59
CA ALA A 162 -19.88 -3.65 16.38
C ALA A 162 -20.88 -4.22 17.40
N ASP A 163 -21.75 -3.33 17.90
CA ASP A 163 -22.77 -3.71 18.89
C ASP A 163 -23.87 -4.63 18.37
N VAL A 164 -24.10 -4.65 17.06
CA VAL A 164 -25.01 -5.52 16.42
C VAL A 164 -24.44 -6.69 15.66
N ARG A 165 -23.15 -6.91 15.70
CA ARG A 165 -22.58 -8.02 14.98
C ARG A 165 -22.89 -9.35 15.68
N GLU A 166 -23.31 -10.35 14.91
CA GLU A 166 -23.76 -11.64 15.43
C GLU A 166 -22.53 -12.38 16.04
N ASP A 167 -21.49 -12.53 15.25
CA ASP A 167 -20.25 -13.11 15.76
C ASP A 167 -19.39 -12.04 16.41
N ASP A 168 -19.13 -12.21 17.69
CA ASP A 168 -18.24 -11.29 18.41
C ASP A 168 -16.91 -11.93 18.88
N SER A 169 -16.37 -12.84 18.10
CA SER A 169 -15.13 -13.48 18.47
C SER A 169 -13.88 -12.79 17.90
N TYR A 170 -14.07 -11.78 17.05
CA TYR A 170 -12.95 -11.16 16.32
C TYR A 170 -12.98 -9.62 16.34
N LEU A 171 -13.64 -9.04 17.35
CA LEU A 171 -13.77 -7.60 17.47
C LEU A 171 -12.69 -7.01 18.34
N PHE A 172 -11.95 -6.09 17.77
CA PHE A 172 -10.91 -5.37 18.46
C PHE A 172 -11.25 -3.89 18.47
N ASP A 173 -11.52 -3.37 19.66
CA ASP A 173 -11.83 -1.95 19.84
C ASP A 173 -10.61 -1.16 19.65
N LEU A 174 -10.69 -0.09 18.85
CA LEU A 174 -9.53 0.79 18.63
C LEU A 174 -9.28 1.83 19.73
N ASP A 175 -10.31 2.12 20.51
CA ASP A 175 -10.27 3.12 21.56
C ASP A 175 -11.20 2.63 22.67
N ASN A 176 -10.81 2.89 23.90
CA ASN A 176 -11.60 2.44 25.04
C ASN A 176 -12.69 3.42 25.49
N LYS A 177 -12.64 4.65 25.00
CA LYS A 177 -13.56 5.68 25.44
C LYS A 177 -14.92 5.62 24.75
N ASP A 178 -15.79 6.51 25.22
CA ASP A 178 -17.11 6.82 24.64
C ASP A 178 -17.01 7.52 23.31
N GLY A 179 -18.15 7.58 22.64
CA GLY A 179 -18.38 8.54 21.57
C GLY A 179 -18.02 7.99 20.21
N GLU A 180 -17.33 8.79 19.39
CA GLU A 180 -17.10 8.41 17.99
C GLU A 180 -15.83 7.54 17.93
N VAL A 181 -16.05 6.22 18.11
CA VAL A 181 -14.97 5.23 18.28
C VAL A 181 -15.23 4.09 17.33
N TYR A 182 -14.14 3.41 16.98
CA TYR A 182 -14.21 2.40 15.90
C TYR A 182 -13.59 1.07 16.32
N CYS A 183 -13.82 0.06 15.49
N CYS A 183 -13.87 0.05 15.51
CA CYS A 183 -13.45 -1.31 15.85
CA CYS A 183 -13.43 -1.32 15.81
C CYS A 183 -12.96 -2.00 14.60
C CYS A 183 -12.89 -1.96 14.58
N ILE A 184 -12.04 -2.96 14.76
CA ILE A 184 -11.69 -3.86 13.63
C ILE A 184 -12.47 -5.15 13.83
N ASP A 185 -13.27 -5.55 12.90
CA ASP A 185 -13.88 -6.87 12.94
C ASP A 185 -13.10 -7.79 11.96
N ALA A 186 -12.46 -8.80 12.49
CA ALA A 186 -11.75 -9.79 11.61
C ALA A 186 -12.55 -11.08 11.33
N ARG A 187 -13.86 -11.08 11.58
CA ARG A 187 -14.66 -12.23 11.32
C ARG A 187 -14.74 -12.59 9.85
N TYR A 188 -15.09 -11.62 9.02
CA TYR A 188 -15.30 -11.84 7.58
C TYR A 188 -14.11 -11.57 6.72
N TYR A 189 -13.28 -10.64 7.17
CA TYR A 189 -12.11 -10.20 6.44
C TYR A 189 -11.05 -10.04 7.52
N GLY A 190 -9.93 -10.75 7.37
CA GLY A 190 -8.87 -10.66 8.36
C GLY A 190 -7.54 -11.21 7.89
N ASN A 191 -6.55 -11.05 8.68
CA ASN A 191 -5.18 -11.58 8.34
C ASN A 191 -4.87 -12.66 9.39
N ILE A 192 -3.64 -13.11 9.39
CA ILE A 192 -3.21 -14.15 10.38
C ILE A 192 -3.53 -13.90 11.84
N SER A 193 -3.50 -12.63 12.26
N SER A 193 -3.50 -12.64 12.26
CA SER A 193 -3.83 -12.25 13.65
CA SER A 193 -3.80 -12.28 13.66
C SER A 193 -5.23 -12.63 14.13
C SER A 193 -5.24 -12.63 14.12
N ARG A 194 -6.17 -12.76 13.20
CA ARG A 194 -7.49 -13.28 13.56
C ARG A 194 -7.45 -14.65 14.28
N PHE A 195 -6.35 -15.40 14.09
CA PHE A 195 -6.19 -16.74 14.70
C PHE A 195 -5.39 -16.77 15.97
N ILE A 196 -4.97 -15.62 16.44
CA ILE A 196 -4.14 -15.56 17.68
C ILE A 196 -5.08 -15.71 18.88
N ASN A 197 -4.76 -16.67 19.76
CA ASN A 197 -5.58 -16.98 20.95
C ASN A 197 -5.26 -16.08 22.14
N HIS A 198 -6.14 -16.11 23.12
CA HIS A 198 -5.93 -15.43 24.37
C HIS A 198 -5.08 -16.24 25.26
N LEU A 199 -4.07 -15.62 25.87
CA LEU A 199 -3.35 -16.28 26.92
C LEU A 199 -3.35 -15.44 28.17
N CYS A 200 -3.62 -16.07 29.32
CA CYS A 200 -3.54 -15.33 30.60
C CYS A 200 -2.07 -15.02 30.93
N ASP A 201 -1.15 -15.82 30.38
CA ASP A 201 0.29 -15.51 30.36
C ASP A 201 0.80 -15.11 28.94
N PRO A 202 0.54 -13.85 28.51
CA PRO A 202 0.74 -13.47 27.09
C PRO A 202 2.23 -13.31 26.76
N ASN A 203 2.55 -13.48 25.47
CA ASN A 203 3.89 -13.20 24.98
C ASN A 203 3.95 -12.13 23.88
N ILE A 204 2.81 -11.50 23.54
CA ILE A 204 2.79 -10.40 22.62
C ILE A 204 1.85 -9.37 23.18
N ILE A 205 2.14 -8.11 22.85
CA ILE A 205 1.30 -6.98 23.23
C ILE A 205 0.87 -6.13 22.02
N PRO A 206 -0.39 -5.63 22.03
CA PRO A 206 -0.88 -4.73 21.00
C PRO A 206 -0.48 -3.30 21.26
N VAL A 207 -0.03 -2.65 20.20
CA VAL A 207 0.43 -1.26 20.27
C VAL A 207 -0.23 -0.44 19.13
N ARG A 208 -0.70 0.75 19.46
CA ARG A 208 -1.34 1.62 18.46
C ARG A 208 -0.31 2.33 17.65
N VAL A 209 -0.46 2.26 16.32
CA VAL A 209 0.54 2.82 15.45
C VAL A 209 -0.08 3.60 14.32
N PHE A 210 0.57 4.71 13.95
CA PHE A 210 0.17 5.54 12.80
C PHE A 210 1.28 5.49 11.73
N MET A 211 0.89 5.35 10.48
CA MET A 211 1.81 5.22 9.39
C MET A 211 1.45 6.16 8.25
N LEU A 212 0.59 5.75 7.31
CA LEU A 212 0.32 6.58 6.15
C LEU A 212 -0.65 7.75 6.41
N HIS A 213 -1.37 7.70 7.52
CA HIS A 213 -2.28 8.73 7.92
C HIS A 213 -2.10 8.88 9.40
N GLN A 214 -2.58 10.00 9.91
CA GLN A 214 -2.60 10.22 11.36
C GLN A 214 -4.03 10.59 11.87
N ASP A 215 -5.04 9.97 11.26
CA ASP A 215 -6.42 10.04 11.78
C ASP A 215 -6.47 9.29 13.10
N LEU A 216 -6.56 10.01 14.23
CA LEU A 216 -6.54 9.37 15.52
C LEU A 216 -7.73 8.43 15.82
N ARG A 217 -8.77 8.43 14.98
CA ARG A 217 -9.87 7.48 15.11
C ARG A 217 -9.49 6.07 14.65
N PHE A 218 -8.38 5.96 13.91
CA PHE A 218 -8.06 4.74 13.18
C PHE A 218 -6.63 4.31 13.38
N PRO A 219 -6.21 4.15 14.67
CA PRO A 219 -4.92 3.60 14.86
C PRO A 219 -4.87 2.20 14.30
N ARG A 220 -3.69 1.78 13.90
CA ARG A 220 -3.44 0.39 13.48
C ARG A 220 -2.85 -0.40 14.66
N ILE A 221 -3.25 -1.67 14.77
CA ILE A 221 -2.95 -2.42 15.98
C ILE A 221 -1.77 -3.35 15.62
N ALA A 222 -0.61 -3.05 16.18
CA ALA A 222 0.63 -3.81 15.88
C ALA A 222 0.96 -4.70 17.07
N PHE A 223 1.20 -6.01 16.87
CA PHE A 223 1.62 -6.88 17.98
C PHE A 223 3.13 -6.98 17.99
N PHE A 224 3.71 -6.77 19.16
CA PHE A 224 5.13 -6.99 19.38
C PHE A 224 5.34 -8.00 20.46
N SER A 225 6.42 -8.80 20.37
CA SER A 225 6.78 -9.67 21.49
C SER A 225 7.08 -8.88 22.75
N SER A 226 6.57 -9.39 23.85
CA SER A 226 6.75 -8.81 25.15
C SER A 226 7.86 -9.54 25.90
N ARG A 227 8.32 -10.65 25.39
CA ARG A 227 9.48 -11.37 25.96
C ARG A 227 10.14 -12.10 24.84
N ASP A 228 11.27 -12.74 25.12
CA ASP A 228 11.91 -13.62 24.16
C ASP A 228 10.94 -14.81 24.01
N ILE A 229 10.68 -15.23 22.77
CA ILE A 229 9.72 -16.27 22.47
C ILE A 229 10.52 -17.41 21.87
N ARG A 230 10.23 -18.62 22.32
CA ARG A 230 10.95 -19.84 21.89
C ARG A 230 10.31 -20.46 20.69
N THR A 231 11.10 -21.20 19.91
CA THR A 231 10.59 -21.83 18.69
C THR A 231 9.49 -22.76 19.07
N GLY A 232 8.44 -22.80 18.28
CA GLY A 232 7.30 -23.66 18.59
C GLY A 232 6.26 -23.06 19.54
N GLU A 233 6.53 -21.99 20.28
CA GLU A 233 5.53 -21.46 21.23
C GLU A 233 4.33 -20.83 20.50
N GLU A 234 3.16 -21.13 21.04
CA GLU A 234 1.94 -20.46 20.62
C GLU A 234 2.05 -18.98 20.97
N LEU A 235 1.59 -18.12 20.05
CA LEU A 235 1.52 -16.69 20.32
C LEU A 235 0.20 -16.36 20.96
N GLY A 236 0.21 -15.43 21.90
CA GLY A 236 -1.01 -15.03 22.53
C GLY A 236 -0.96 -13.72 23.21
N PHE A 237 -2.08 -13.06 23.24
CA PHE A 237 -2.22 -11.80 23.97
C PHE A 237 -3.37 -11.86 24.96
N ASP A 238 -3.38 -10.87 25.85
CA ASP A 238 -4.51 -10.70 26.79
C ASP A 238 -5.63 -9.90 26.12
N TYR A 239 -6.71 -10.57 25.83
CA TYR A 239 -7.86 -10.03 25.12
C TYR A 239 -8.53 -8.96 25.95
N GLY A 240 -8.40 -9.11 27.30
CA GLY A 240 -8.98 -8.19 28.28
C GLY A 240 -10.39 -8.51 28.79
N ASP A 241 -10.78 -7.81 29.85
CA ASP A 241 -12.10 -8.05 30.47
C ASP A 241 -13.29 -7.64 29.63
N ARG A 242 -13.14 -6.64 28.77
CA ARG A 242 -14.25 -6.26 27.83
C ARG A 242 -14.62 -7.42 26.87
N PHE A 243 -13.72 -8.41 26.81
CA PHE A 243 -14.00 -9.62 26.10
C PHE A 243 -14.61 -10.66 27.06
N TRP A 244 -13.85 -10.99 28.09
CA TRP A 244 -14.17 -12.12 28.98
C TRP A 244 -15.50 -11.89 29.80
N ASP A 245 -15.77 -10.67 30.22
CA ASP A 245 -17.05 -10.35 30.89
C ASP A 245 -18.26 -10.74 30.06
N ILE A 246 -18.14 -10.68 28.74
CA ILE A 246 -19.20 -11.19 27.90
C ILE A 246 -19.01 -12.68 27.57
N LYS A 247 -17.81 -13.10 27.16
CA LYS A 247 -17.64 -14.44 26.58
C LYS A 247 -17.68 -15.53 27.62
N SER A 248 -17.29 -15.24 28.88
CA SER A 248 -17.23 -16.30 29.92
C SER A 248 -18.52 -17.10 30.13
N LYS A 249 -19.67 -16.56 29.71
CA LYS A 249 -20.91 -17.31 29.77
C LYS A 249 -20.99 -18.41 28.72
N TYR A 250 -20.24 -18.28 27.64
CA TYR A 250 -20.35 -19.19 26.51
C TYR A 250 -19.26 -20.25 26.56
N PHE A 251 -18.09 -19.87 27.09
CA PHE A 251 -16.95 -20.77 27.21
C PHE A 251 -15.98 -20.13 28.18
N THR A 252 -15.06 -20.94 28.67
CA THR A 252 -14.06 -20.51 29.59
C THR A 252 -12.65 -20.75 29.05
N CYS A 253 -11.68 -20.13 29.69
CA CYS A 253 -10.31 -20.17 29.20
C CYS A 253 -9.66 -21.53 29.31
N GLN A 254 -8.97 -21.92 28.25
CA GLN A 254 -8.31 -23.23 28.20
C GLN A 254 -6.83 -23.06 28.07
N CYS A 255 -6.28 -21.90 28.44
CA CYS A 255 -4.86 -21.66 28.23
C CYS A 255 -3.96 -22.58 29.05
N GLY A 256 -4.45 -23.03 30.21
CA GLY A 256 -3.74 -24.05 31.01
C GLY A 256 -2.60 -23.54 31.89
N SER A 257 -2.42 -22.21 31.95
CA SER A 257 -1.44 -21.57 32.82
C SER A 257 -1.85 -21.61 34.31
N GLU A 258 -0.88 -21.82 35.18
CA GLU A 258 -1.07 -21.59 36.62
C GLU A 258 -1.64 -20.18 36.92
N LYS A 259 -1.28 -19.16 36.12
CA LYS A 259 -1.84 -17.78 36.30
C LYS A 259 -3.21 -17.52 35.66
N CYS A 260 -3.88 -18.55 35.14
CA CYS A 260 -5.13 -18.32 34.43
C CYS A 260 -6.21 -17.65 35.28
N LYS A 261 -6.78 -16.57 34.74
CA LYS A 261 -7.81 -15.74 35.41
C LYS A 261 -9.20 -15.98 34.87
N HIS A 262 -9.35 -16.84 33.86
CA HIS A 262 -10.61 -16.98 33.16
C HIS A 262 -11.07 -18.42 32.92
N SER A 263 -10.41 -19.39 33.57
CA SER A 263 -10.82 -20.80 33.49
C SER A 263 -12.07 -20.95 34.35
N ALA A 264 -12.82 -22.05 34.13
CA ALA A 264 -13.94 -22.44 34.97
C ALA A 264 -13.57 -22.45 36.44
N GLU A 265 -12.38 -22.95 36.76
CA GLU A 265 -11.89 -23.03 38.12
C GLU A 265 -11.63 -21.60 38.72
N ALA A 266 -10.80 -20.79 38.07
CA ALA A 266 -10.62 -19.41 38.51
C ALA A 266 -11.94 -18.60 38.70
N ILE A 267 -12.91 -18.78 37.80
CA ILE A 267 -14.21 -18.09 37.88
C ILE A 267 -15.10 -18.59 39.03
N ALA A 268 -15.28 -19.90 39.10
CA ALA A 268 -16.05 -20.57 40.20
C ALA A 268 -15.52 -20.18 41.60
N LEU A 269 -14.18 -20.13 41.77
CA LEU A 269 -13.51 -19.68 42.99
C LEU A 269 -13.75 -18.22 43.35
N GLU A 270 -13.77 -17.36 42.33
CA GLU A 270 -14.08 -15.96 42.56
C GLU A 270 -15.53 -15.79 42.97
N GLN A 271 -16.45 -16.49 42.28
CA GLN A 271 -17.87 -16.51 42.66
C GLN A 271 -18.06 -16.88 44.14
N SER A 272 -17.34 -17.90 44.61
CA SER A 272 -17.31 -18.27 46.05
C SER A 272 -16.69 -17.18 47.01
N ARG A 273 -15.44 -16.74 46.78
CA ARG A 273 -14.85 -15.51 47.40
C ARG A 273 -13.36 -15.35 47.06
N LYS B 2 -20.97 -3.01 27.11
CA LYS B 2 -21.35 -3.11 25.68
C LYS B 2 -22.07 -4.42 25.48
N GLN B 3 -22.65 -4.55 24.30
CA GLN B 3 -23.51 -5.67 23.97
C GLN B 3 -22.71 -6.84 23.34
N THR B 4 -21.55 -6.52 22.78
CA THR B 4 -20.71 -7.54 22.15
C THR B 4 -19.35 -7.44 22.82
N ALA B 5 -18.69 -8.59 22.89
CA ALA B 5 -17.30 -8.76 23.36
C ALA B 5 -16.33 -7.99 22.50
N ARG B 6 -15.37 -7.35 23.11
CA ARG B 6 -14.38 -6.61 22.35
C ARG B 6 -13.03 -6.92 22.96
N MET B 7 -12.05 -7.28 22.11
CA MET B 7 -10.67 -7.27 22.55
C MET B 7 -10.32 -5.80 22.66
N SER B 8 -9.38 -5.49 23.53
CA SER B 8 -8.98 -4.12 23.72
C SER B 8 -7.62 -4.13 24.37
N THR B 9 -6.87 -3.04 24.25
CA THR B 9 -5.56 -2.92 24.88
C THR B 9 -5.71 -2.85 26.40
N GLU C 4 28.10 12.54 -17.61
CA GLU C 4 29.29 12.96 -16.82
C GLU C 4 28.98 12.66 -15.34
N LYS C 5 28.63 13.64 -14.53
CA LYS C 5 28.60 13.47 -13.06
C LYS C 5 27.33 12.80 -12.52
N ILE C 6 27.48 11.78 -11.67
CA ILE C 6 26.37 11.19 -10.90
C ILE C 6 26.04 12.08 -9.71
N ILE C 7 24.86 12.72 -9.72
CA ILE C 7 24.53 13.76 -8.72
C ILE C 7 23.47 13.41 -7.66
N CYS C 8 22.77 12.29 -7.82
CA CYS C 8 21.90 11.76 -6.75
C CYS C 8 21.78 10.26 -7.04
N ARG C 9 22.05 9.46 -6.00
CA ARG C 9 22.04 7.99 -6.16
C ARG C 9 20.59 7.50 -6.27
N ASP C 10 19.61 8.23 -5.71
CA ASP C 10 18.19 7.77 -5.79
C ASP C 10 17.25 8.89 -5.55
N VAL C 11 16.71 9.42 -6.65
CA VAL C 11 15.76 10.52 -6.47
C VAL C 11 14.53 10.12 -5.68
N ALA C 12 14.20 8.83 -5.66
CA ALA C 12 13.00 8.32 -4.99
C ALA C 12 13.27 8.01 -3.52
N ARG C 13 14.50 8.17 -3.06
CA ARG C 13 14.83 7.96 -1.63
C ARG C 13 14.29 6.63 -1.11
N GLY C 14 14.48 5.58 -1.91
CA GLY C 14 14.08 4.20 -1.56
C GLY C 14 12.60 3.87 -1.64
N TYR C 15 11.77 4.75 -2.20
CA TYR C 15 10.36 4.43 -2.27
C TYR C 15 9.99 3.51 -3.41
N GLU C 16 10.86 3.37 -4.43
CA GLU C 16 10.51 2.49 -5.54
C GLU C 16 11.22 1.14 -5.32
N ASN C 17 10.90 0.16 -6.17
CA ASN C 17 11.52 -1.18 -6.07
C ASN C 17 13.01 -1.14 -6.32
N VAL C 18 13.42 -0.16 -7.13
CA VAL C 18 14.80 0.07 -7.52
C VAL C 18 15.19 1.55 -7.37
N PRO C 19 16.49 1.81 -7.28
CA PRO C 19 16.92 3.20 -7.18
C PRO C 19 16.84 3.88 -8.55
N ILE C 20 16.55 5.19 -8.54
CA ILE C 20 16.51 5.99 -9.78
C ILE C 20 17.58 7.13 -9.62
N PRO C 21 18.76 6.94 -10.20
CA PRO C 21 19.84 7.92 -10.12
C PRO C 21 19.61 9.13 -10.99
N CYS C 22 20.29 10.21 -10.66
CA CYS C 22 20.25 11.40 -11.49
C CYS C 22 21.68 11.79 -11.87
N VAL C 23 21.84 12.11 -13.15
CA VAL C 23 23.10 12.63 -13.69
C VAL C 23 22.88 13.86 -14.55
N ASN C 24 23.96 14.64 -14.73
CA ASN C 24 23.94 15.80 -15.58
C ASN C 24 25.35 15.93 -16.19
N GLY C 25 25.42 15.71 -17.50
CA GLY C 25 26.63 15.94 -18.27
C GLY C 25 26.50 17.10 -19.23
N VAL C 26 25.51 17.96 -19.01
CA VAL C 26 25.14 19.04 -19.94
C VAL C 26 25.48 20.40 -19.36
N ASP C 27 25.10 20.65 -18.13
CA ASP C 27 25.19 21.97 -17.56
C ASP C 27 25.30 21.90 -16.05
N GLY C 28 25.15 23.05 -15.40
CA GLY C 28 25.42 23.18 -13.99
C GLY C 28 24.21 23.09 -13.14
N GLU C 29 23.09 22.61 -13.70
CA GLU C 29 21.82 22.63 -12.96
C GLU C 29 21.90 21.57 -11.90
N PRO C 30 21.54 21.88 -10.64
CA PRO C 30 21.64 20.88 -9.60
C PRO C 30 20.40 19.95 -9.64
N CYS C 31 20.50 18.83 -8.98
CA CYS C 31 19.40 17.85 -8.86
C CYS C 31 18.13 18.56 -8.46
N PRO C 32 17.02 18.35 -9.19
CA PRO C 32 15.81 19.11 -8.92
C PRO C 32 15.21 18.66 -7.57
N GLU C 33 14.90 19.61 -6.71
CA GLU C 33 14.30 19.33 -5.39
C GLU C 33 13.12 20.28 -5.07
N ASP C 34 12.53 20.90 -6.08
CA ASP C 34 11.40 21.81 -5.80
CA ASP C 34 11.41 21.81 -5.88
C ASP C 34 10.09 21.03 -5.86
N TYR C 35 10.14 19.81 -5.36
CA TYR C 35 8.91 18.97 -5.26
C TYR C 35 9.15 17.88 -4.24
N LYS C 36 8.09 17.22 -3.80
CA LYS C 36 8.18 16.13 -2.91
C LYS C 36 7.98 14.83 -3.72
N TYR C 37 9.02 13.99 -3.73
CA TYR C 37 8.89 12.65 -4.30
C TYR C 37 7.92 11.79 -3.48
N ILE C 38 6.89 11.24 -4.17
CA ILE C 38 5.93 10.26 -3.58
C ILE C 38 5.81 9.15 -4.56
N SER C 39 5.64 7.97 -4.04
CA SER C 39 5.46 6.81 -4.92
C SER C 39 4.00 6.46 -5.21
N GLU C 40 3.06 7.01 -4.47
CA GLU C 40 1.67 6.74 -4.71
C GLU C 40 0.89 8.05 -4.68
N ASN C 41 -0.22 8.10 -5.41
CA ASN C 41 -0.99 9.33 -5.46
C ASN C 41 -1.39 9.80 -4.04
N CYS C 42 -1.34 11.11 -3.84
CA CYS C 42 -1.75 11.79 -2.60
C CYS C 42 -2.97 12.71 -2.80
N GLU C 43 -3.62 13.01 -1.69
CA GLU C 43 -4.82 13.85 -1.62
C GLU C 43 -4.49 15.09 -0.85
N THR C 44 -5.04 16.20 -1.32
CA THR C 44 -4.92 17.50 -0.57
C THR C 44 -6.30 18.12 -0.31
N SER C 45 -7.36 17.36 -0.52
CA SER C 45 -8.72 17.80 -0.24
C SER C 45 -9.58 16.55 -0.05
N THR C 46 -10.86 16.71 0.29
CA THR C 46 -11.71 15.52 0.57
C THR C 46 -12.11 14.95 -0.80
N MET C 47 -11.61 13.76 -1.17
CA MET C 47 -11.91 13.11 -2.47
C MET C 47 -12.86 11.91 -2.29
N ASN C 48 -12.74 11.20 -1.18
CA ASN C 48 -13.55 10.02 -0.83
C ASN C 48 -13.55 9.00 -1.96
N ILE C 49 -12.34 8.60 -2.28
CA ILE C 49 -12.16 7.51 -3.21
C ILE C 49 -12.93 6.31 -2.67
N ASP C 50 -13.73 5.75 -3.51
CA ASP C 50 -14.51 4.57 -3.10
C ASP C 50 -13.57 3.36 -2.90
N ARG C 51 -13.28 3.04 -1.64
CA ARG C 51 -12.48 1.84 -1.29
C ARG C 51 -13.31 0.70 -0.65
N ASN C 52 -14.61 0.80 -0.73
CA ASN C 52 -15.47 -0.26 -0.20
C ASN C 52 -15.13 -1.59 -0.90
N ILE C 53 -14.65 -2.52 -0.11
CA ILE C 53 -14.15 -3.83 -0.68
C ILE C 53 -15.30 -4.59 -1.40
N THR C 54 -16.53 -4.33 -1.01
CA THR C 54 -17.67 -5.05 -1.57
C THR C 54 -18.08 -4.41 -2.93
N HIS C 55 -17.53 -3.23 -3.27
CA HIS C 55 -17.70 -2.60 -4.62
C HIS C 55 -16.69 -3.08 -5.68
N LEU C 56 -15.83 -4.01 -5.31
CA LEU C 56 -14.80 -4.47 -6.24
C LEU C 56 -15.35 -5.61 -7.07
N GLN C 57 -15.30 -5.47 -8.40
CA GLN C 57 -15.49 -6.65 -9.23
C GLN C 57 -14.23 -7.49 -9.11
N HIS C 58 -14.40 -8.82 -9.08
CA HIS C 58 -13.30 -9.69 -8.66
C HIS C 58 -13.50 -11.03 -9.26
N CYS C 59 -12.40 -11.73 -9.46
CA CYS C 59 -12.48 -13.08 -10.04
C CYS C 59 -12.43 -14.18 -9.01
N THR C 60 -12.82 -15.39 -9.50
CA THR C 60 -12.91 -16.58 -8.67
C THR C 60 -11.89 -17.65 -9.09
N CYS C 61 -10.96 -17.26 -9.97
CA CYS C 61 -9.93 -18.14 -10.43
C CYS C 61 -9.08 -18.82 -9.35
N VAL C 62 -8.89 -20.12 -9.52
CA VAL C 62 -7.94 -20.89 -8.69
C VAL C 62 -6.63 -21.22 -9.39
N ASP C 63 -6.42 -20.65 -10.57
CA ASP C 63 -5.15 -20.82 -11.32
C ASP C 63 -4.40 -19.49 -11.15
N ASP C 64 -3.62 -19.12 -12.17
CA ASP C 64 -2.80 -17.88 -12.21
C ASP C 64 -3.40 -16.78 -13.02
N CYS C 65 -4.74 -16.84 -13.22
CA CYS C 65 -5.52 -15.91 -14.00
C CYS C 65 -5.00 -15.77 -15.45
N SER C 66 -4.54 -16.86 -16.02
CA SER C 66 -4.05 -16.84 -17.41
C SER C 66 -5.13 -17.32 -18.37
N SER C 67 -6.32 -17.64 -17.84
CA SER C 67 -7.42 -18.17 -18.70
C SER C 67 -8.34 -17.06 -19.09
N SER C 68 -8.98 -17.23 -20.25
CA SER C 68 -9.98 -16.26 -20.70
C SER C 68 -11.22 -16.16 -19.81
N ASN C 69 -11.44 -17.14 -18.94
CA ASN C 69 -12.52 -17.13 -17.96
C ASN C 69 -12.34 -16.13 -16.76
N CYS C 70 -11.13 -15.57 -16.60
CA CYS C 70 -10.91 -14.61 -15.52
C CYS C 70 -11.83 -13.42 -15.69
N LEU C 71 -12.66 -13.15 -14.72
CA LEU C 71 -13.63 -12.13 -14.79
C LEU C 71 -12.93 -10.79 -14.91
N CYS C 72 -11.84 -10.65 -14.17
CA CYS C 72 -11.04 -9.37 -14.24
C CYS C 72 -10.49 -9.05 -15.63
N GLY C 73 -9.95 -10.07 -16.29
CA GLY C 73 -9.60 -9.98 -17.67
C GLY C 73 -10.74 -9.58 -18.59
N GLN C 74 -11.88 -10.25 -18.44
CA GLN C 74 -13.05 -9.96 -19.24
C GLN C 74 -13.54 -8.49 -19.12
N LEU C 75 -13.25 -7.79 -18.01
CA LEU C 75 -13.60 -6.38 -17.85
C LEU C 75 -12.89 -5.46 -18.84
N SER C 76 -11.79 -5.92 -19.44
CA SER C 76 -11.14 -5.21 -20.57
C SER C 76 -11.21 -5.96 -21.88
N ILE C 77 -12.27 -6.72 -22.05
CA ILE C 77 -12.45 -7.73 -23.09
C ILE C 77 -11.54 -8.94 -22.89
N ARG C 78 -10.25 -8.75 -22.67
CA ARG C 78 -9.41 -9.81 -22.20
C ARG C 78 -8.29 -9.21 -21.39
N CYS C 79 -7.52 -10.05 -20.70
CA CYS C 79 -6.29 -9.61 -20.10
C CYS C 79 -5.31 -9.28 -21.25
N TRP C 80 -4.62 -8.14 -21.17
CA TRP C 80 -3.72 -7.74 -22.22
C TRP C 80 -2.27 -8.05 -21.89
N TYR C 81 -2.00 -8.67 -20.77
CA TYR C 81 -0.66 -9.05 -20.38
C TYR C 81 -0.30 -10.44 -20.84
N ASP C 82 0.87 -10.60 -21.44
CA ASP C 82 1.35 -11.94 -21.73
C ASP C 82 1.94 -12.55 -20.51
N LYS C 83 2.58 -13.70 -20.70
CA LYS C 83 3.04 -14.48 -19.54
C LYS C 83 4.17 -13.83 -18.73
N ASP C 84 4.88 -12.85 -19.35
CA ASP C 84 6.02 -12.12 -18.76
C ASP C 84 5.62 -10.73 -18.28
N GLY C 85 4.33 -10.43 -18.36
CA GLY C 85 3.85 -9.11 -17.89
C GLY C 85 3.90 -8.00 -18.90
N ARG C 86 3.94 -8.36 -20.18
CA ARG C 86 4.03 -7.37 -21.27
C ARG C 86 2.75 -7.31 -22.07
N LEU C 87 2.38 -6.11 -22.50
CA LEU C 87 1.18 -5.92 -23.34
C LEU C 87 1.33 -6.76 -24.60
N LEU C 88 0.26 -7.45 -24.96
CA LEU C 88 0.21 -8.20 -26.23
C LEU C 88 0.46 -7.31 -27.41
N GLN C 89 1.15 -7.86 -28.41
CA GLN C 89 1.44 -7.15 -29.68
C GLN C 89 0.21 -6.37 -30.23
N GLU C 90 -0.96 -6.98 -30.16
CA GLU C 90 -2.20 -6.47 -30.76
C GLU C 90 -2.93 -5.46 -29.89
N PHE C 91 -2.41 -5.19 -28.70
CA PHE C 91 -3.02 -4.17 -27.82
C PHE C 91 -3.17 -2.88 -28.61
N ASN C 92 -4.31 -2.26 -28.44
CA ASN C 92 -4.58 -1.00 -29.11
C ASN C 92 -3.81 0.17 -28.46
N LYS C 93 -2.72 0.58 -29.12
CA LYS C 93 -1.88 1.67 -28.66
C LYS C 93 -2.41 3.12 -28.90
N ILE C 94 -3.53 3.29 -29.60
CA ILE C 94 -4.04 4.61 -29.99
C ILE C 94 -5.17 5.02 -29.04
N GLU C 95 -6.14 4.12 -28.86
CA GLU C 95 -7.22 4.21 -27.88
C GLU C 95 -7.10 2.99 -26.95
N PRO C 96 -6.24 3.09 -25.93
CA PRO C 96 -6.10 1.91 -25.08
C PRO C 96 -7.35 1.63 -24.28
N PRO C 97 -7.64 0.35 -24.01
CA PRO C 97 -8.77 0.03 -23.09
C PRO C 97 -8.40 0.37 -21.62
N LEU C 98 -9.41 0.30 -20.75
CA LEU C 98 -9.22 0.41 -19.30
C LEU C 98 -8.82 -0.94 -18.85
N ILE C 99 -7.76 -1.05 -18.07
CA ILE C 99 -7.28 -2.29 -17.56
C ILE C 99 -7.74 -2.45 -16.13
N PHE C 100 -8.41 -3.58 -15.82
CA PHE C 100 -8.79 -3.94 -14.43
C PHE C 100 -7.88 -5.09 -13.98
N GLU C 101 -6.87 -4.75 -13.21
CA GLU C 101 -6.03 -5.74 -12.54
C GLU C 101 -6.80 -6.47 -11.45
N CYS C 102 -6.22 -7.57 -11.06
CA CYS C 102 -6.77 -8.33 -9.93
C CYS C 102 -6.45 -7.57 -8.64
N ASN C 103 -7.26 -7.90 -7.64
CA ASN C 103 -7.32 -7.08 -6.46
C ASN C 103 -7.45 -7.93 -5.20
N GLN C 104 -7.56 -7.28 -4.02
CA GLN C 104 -7.67 -7.95 -2.76
C GLN C 104 -8.97 -8.73 -2.53
N ALA C 105 -10.00 -8.46 -3.32
CA ALA C 105 -11.24 -9.34 -3.29
C ALA C 105 -11.19 -10.59 -4.18
N CYS C 106 -10.28 -10.64 -5.16
CA CYS C 106 -10.10 -11.84 -6.00
C CYS C 106 -9.64 -13.06 -5.20
N SER C 107 -9.92 -14.27 -5.67
CA SER C 107 -9.54 -15.43 -4.96
C SER C 107 -8.14 -15.81 -5.28
N CYS C 108 -7.53 -15.18 -6.29
CA CYS C 108 -6.22 -15.62 -6.83
C CYS C 108 -5.12 -15.14 -5.94
N TRP C 109 -3.90 -15.62 -6.21
CA TRP C 109 -2.76 -15.26 -5.49
C TRP C 109 -2.15 -13.94 -5.97
N ARG C 110 -1.38 -13.36 -5.09
CA ARG C 110 -0.64 -12.09 -5.34
C ARG C 110 0.24 -12.03 -6.57
N ASN C 111 0.73 -13.23 -7.01
CA ASN C 111 1.59 -13.42 -8.18
C ASN C 111 0.90 -13.84 -9.45
N CYS C 112 -0.45 -13.66 -9.50
CA CYS C 112 -1.15 -14.02 -10.70
C CYS C 112 -0.71 -13.19 -11.88
N LYS C 113 -1.14 -13.61 -13.09
CA LYS C 113 -0.67 -12.94 -14.31
C LYS C 113 -1.31 -11.55 -14.58
N ASN C 114 -2.28 -11.10 -13.77
CA ASN C 114 -3.04 -9.90 -14.01
C ASN C 114 -2.76 -8.88 -12.92
N ARG C 115 -1.47 -8.66 -12.63
CA ARG C 115 -1.06 -7.78 -11.51
C ARG C 115 0.22 -6.99 -11.81
N VAL C 116 0.37 -6.54 -13.01
CA VAL C 116 1.67 -6.00 -13.46
C VAL C 116 1.92 -4.59 -12.87
N VAL C 117 0.96 -3.74 -13.03
CA VAL C 117 1.18 -2.36 -12.62
C VAL C 117 1.35 -2.23 -11.10
N GLN C 118 0.58 -3.02 -10.38
CA GLN C 118 0.59 -2.92 -8.90
C GLN C 118 1.87 -3.44 -8.32
N SER C 119 2.66 -4.22 -9.08
CA SER C 119 3.92 -4.72 -8.62
C SER C 119 5.08 -3.72 -8.83
N GLY C 120 4.79 -2.57 -9.43
CA GLY C 120 5.75 -1.46 -9.50
C GLY C 120 6.89 -1.54 -10.50
N ILE C 121 7.82 -0.60 -10.35
CA ILE C 121 8.90 -0.40 -11.31
C ILE C 121 9.93 -1.53 -11.27
N LYS C 122 10.27 -2.06 -12.43
CA LYS C 122 11.25 -3.13 -12.58
C LYS C 122 12.44 -2.77 -13.47
N VAL C 123 12.34 -1.73 -14.30
CA VAL C 123 13.36 -1.38 -15.30
C VAL C 123 14.23 -0.31 -14.69
N ARG C 124 15.48 -0.28 -15.15
CA ARG C 124 16.44 0.69 -14.64
C ARG C 124 16.28 1.92 -15.48
N LEU C 125 16.02 3.01 -14.77
CA LEU C 125 15.75 4.30 -15.34
C LEU C 125 16.76 5.26 -14.77
N GLN C 126 16.91 6.39 -15.43
CA GLN C 126 17.81 7.46 -14.99
C GLN C 126 17.21 8.82 -15.26
N LEU C 127 17.31 9.71 -14.27
CA LEU C 127 16.95 11.09 -14.49
C LEU C 127 18.22 11.75 -15.03
N TYR C 128 18.10 12.43 -16.16
CA TYR C 128 19.27 13.06 -16.75
C TYR C 128 18.97 14.38 -17.36
N ARG C 129 20.04 15.14 -17.59
CA ARG C 129 19.88 16.47 -18.14
C ARG C 129 19.92 16.36 -19.70
N THR C 130 18.87 16.85 -20.34
CA THR C 130 18.76 16.89 -21.82
C THR C 130 19.43 18.13 -22.34
N ALA C 131 19.56 18.21 -23.65
CA ALA C 131 20.15 19.38 -24.29
C ALA C 131 19.23 20.57 -24.30
N LYS C 132 17.94 20.33 -24.55
CA LYS C 132 17.00 21.39 -24.89
C LYS C 132 15.63 21.42 -24.17
N MET C 133 15.34 20.37 -23.43
CA MET C 133 14.05 20.15 -22.86
C MET C 133 14.30 19.91 -21.38
N GLY C 134 15.29 20.55 -20.75
CA GLY C 134 15.48 20.39 -19.28
C GLY C 134 15.84 18.97 -18.81
N TRP C 135 15.13 18.44 -17.80
CA TRP C 135 15.49 17.17 -17.23
C TRP C 135 14.61 16.22 -18.00
N GLY C 136 15.11 15.01 -18.15
CA GLY C 136 14.39 13.95 -18.89
C GLY C 136 14.63 12.60 -18.23
N VAL C 137 13.93 11.58 -18.69
CA VAL C 137 14.11 10.23 -18.23
C VAL C 137 14.56 9.29 -19.35
N ARG C 138 15.64 8.58 -19.09
CA ARG C 138 16.08 7.55 -20.03
C ARG C 138 16.25 6.16 -19.46
N ALA C 139 16.32 5.20 -20.39
CA ALA C 139 16.47 3.82 -20.05
C ALA C 139 17.92 3.48 -19.91
N LEU C 140 18.26 2.68 -18.91
CA LEU C 140 19.61 2.12 -18.75
C LEU C 140 19.73 0.64 -19.07
N GLN C 141 18.71 0.09 -19.70
CA GLN C 141 18.73 -1.24 -20.21
C GLN C 141 17.87 -1.22 -21.46
N THR C 142 17.98 -2.27 -22.25
CA THR C 142 16.97 -2.57 -23.27
C THR C 142 15.61 -2.97 -22.64
N ILE C 143 14.54 -2.50 -23.27
CA ILE C 143 13.20 -2.64 -22.79
C ILE C 143 12.37 -3.17 -23.94
N PRO C 144 11.92 -4.42 -23.85
CA PRO C 144 11.08 -4.89 -24.94
C PRO C 144 9.71 -4.23 -25.01
N GLN C 145 9.10 -4.24 -26.18
CA GLN C 145 7.77 -3.64 -26.41
C GLN C 145 6.73 -4.18 -25.38
N GLY C 146 5.83 -3.30 -24.94
CA GLY C 146 4.85 -3.66 -23.93
C GLY C 146 5.23 -3.74 -22.47
N THR C 147 6.42 -3.29 -22.08
CA THR C 147 6.93 -3.50 -20.71
C THR C 147 6.40 -2.34 -19.90
N PHE C 148 5.90 -2.65 -18.70
CA PHE C 148 5.53 -1.58 -17.79
C PHE C 148 6.75 -0.80 -17.37
N ILE C 149 6.64 0.52 -17.43
CA ILE C 149 7.78 1.44 -17.09
C ILE C 149 7.60 2.14 -15.74
N CYS C 150 6.51 2.85 -15.60
CA CYS C 150 6.26 3.61 -14.32
C CYS C 150 4.87 4.16 -14.41
N GLU C 151 4.37 4.61 -13.24
CA GLU C 151 3.09 5.29 -13.14
C GLU C 151 3.22 6.83 -13.01
N TYR C 152 2.27 7.56 -13.60
CA TYR C 152 2.19 9.06 -13.41
C TYR C 152 1.55 9.38 -12.09
N VAL C 153 2.38 9.64 -11.12
CA VAL C 153 1.94 9.71 -9.71
C VAL C 153 2.01 11.19 -9.34
N GLY C 154 0.99 11.67 -8.61
CA GLY C 154 1.07 12.97 -8.05
C GLY C 154 -0.11 13.26 -7.13
N GLU C 155 -0.50 14.54 -7.10
CA GLU C 155 -1.53 15.06 -6.24
C GLU C 155 -2.89 15.00 -6.99
N LEU C 156 -3.86 14.24 -6.46
CA LEU C 156 -5.19 14.29 -7.02
C LEU C 156 -5.96 15.55 -6.77
N ILE C 157 -6.44 16.21 -7.84
CA ILE C 157 -7.26 17.42 -7.71
C ILE C 157 -8.46 17.43 -8.63
N SER C 158 -9.42 18.31 -8.34
CA SER C 158 -10.56 18.47 -9.20
C SER C 158 -10.26 19.24 -10.44
N ASP C 159 -11.22 19.18 -11.37
CA ASP C 159 -11.17 19.98 -12.61
C ASP C 159 -11.04 21.46 -12.33
N ALA C 160 -11.86 21.92 -11.38
CA ALA C 160 -11.95 23.31 -10.99
C ALA C 160 -10.65 23.78 -10.34
N GLU C 161 -10.03 22.97 -9.47
CA GLU C 161 -8.71 23.26 -8.94
C GLU C 161 -7.68 23.28 -10.08
N ALA C 162 -7.72 22.29 -10.97
CA ALA C 162 -6.77 22.21 -12.08
C ALA C 162 -6.81 23.45 -13.03
N ASP C 163 -8.01 24.05 -13.18
CA ASP C 163 -8.16 25.31 -13.94
C ASP C 163 -7.52 26.56 -13.32
N VAL C 164 -7.33 26.61 -11.99
CA VAL C 164 -6.66 27.75 -11.40
C VAL C 164 -5.24 27.49 -10.97
N ARG C 165 -4.64 26.35 -11.36
CA ARG C 165 -3.25 26.09 -10.97
C ARG C 165 -2.33 27.02 -11.78
N GLU C 166 -1.46 27.78 -11.11
CA GLU C 166 -0.50 28.68 -11.78
C GLU C 166 0.46 27.98 -12.76
N ASP C 167 1.03 26.85 -12.33
CA ASP C 167 1.92 25.98 -13.16
C ASP C 167 1.11 24.80 -13.71
N ASP C 168 0.97 24.77 -15.03
CA ASP C 168 0.21 23.76 -15.70
C ASP C 168 1.08 22.91 -16.57
N SER C 169 2.32 22.70 -16.14
CA SER C 169 3.25 21.81 -16.87
C SER C 169 3.16 20.36 -16.47
N TYR C 170 2.47 20.05 -15.36
CA TYR C 170 2.47 18.68 -14.81
C TYR C 170 1.07 18.09 -14.57
N LEU C 171 0.06 18.54 -15.33
CA LEU C 171 -1.33 18.13 -15.07
C LEU C 171 -1.69 17.03 -16.04
N PHE C 172 -2.23 15.97 -15.51
CA PHE C 172 -2.61 14.81 -16.32
C PHE C 172 -4.07 14.62 -16.03
N ASP C 173 -4.90 14.83 -17.04
CA ASP C 173 -6.36 14.56 -16.95
C ASP C 173 -6.69 13.07 -16.80
N LEU C 174 -7.51 12.73 -15.82
CA LEU C 174 -8.10 11.39 -15.66
C LEU C 174 -9.46 11.28 -16.37
N ASP C 175 -9.41 11.08 -17.67
CA ASP C 175 -10.57 10.83 -18.60
C ASP C 175 -10.62 11.64 -19.92
N GLU C 180 -17.09 16.73 -15.55
CA GLU C 180 -16.49 16.47 -14.24
C GLU C 180 -15.42 15.35 -14.30
N VAL C 181 -14.20 15.79 -14.59
CA VAL C 181 -13.00 14.96 -14.71
C VAL C 181 -12.13 15.36 -13.52
N TYR C 182 -11.28 14.45 -13.03
CA TYR C 182 -10.25 14.81 -12.02
C TYR C 182 -8.89 14.82 -12.68
N CYS C 183 -7.88 15.31 -11.98
CA CYS C 183 -6.53 15.45 -12.56
C CYS C 183 -5.47 15.01 -11.60
N ILE C 184 -4.31 14.64 -12.14
CA ILE C 184 -3.17 14.45 -11.31
C ILE C 184 -2.25 15.64 -11.57
N ASP C 185 -1.88 16.35 -10.52
CA ASP C 185 -0.91 17.43 -10.67
C ASP C 185 0.39 16.90 -10.04
N ALA C 186 1.42 16.70 -10.88
CA ALA C 186 2.74 16.34 -10.35
C ALA C 186 3.72 17.53 -10.05
N ARG C 187 3.22 18.74 -10.09
CA ARG C 187 4.04 19.90 -9.73
C ARG C 187 4.68 19.83 -8.37
N TYR C 188 3.88 19.71 -7.32
CA TYR C 188 4.40 19.79 -5.91
C TYR C 188 4.67 18.47 -5.27
N TYR C 189 3.91 17.48 -5.70
CA TYR C 189 4.13 16.10 -5.34
C TYR C 189 4.10 15.26 -6.60
N GLY C 190 5.09 14.39 -6.77
CA GLY C 190 5.13 13.46 -7.94
C GLY C 190 6.20 12.42 -7.80
N ASN C 191 6.37 11.63 -8.84
CA ASN C 191 7.44 10.65 -8.89
C ASN C 191 8.24 10.84 -10.17
N ILE C 192 9.07 9.86 -10.52
CA ILE C 192 9.94 9.96 -11.69
C ILE C 192 9.18 10.35 -12.96
N SER C 193 7.93 9.98 -13.10
CA SER C 193 7.18 10.30 -14.34
C SER C 193 6.99 11.78 -14.66
N ARG C 194 7.05 12.58 -13.61
CA ARG C 194 7.02 14.03 -13.77
C ARG C 194 8.08 14.56 -14.66
N PHE C 195 9.16 13.77 -14.88
CA PHE C 195 10.30 14.25 -15.67
C PHE C 195 10.32 13.67 -17.10
N ILE C 196 9.30 12.95 -17.48
CA ILE C 196 9.22 12.41 -18.84
C ILE C 196 8.69 13.49 -19.79
N ASN C 197 9.39 13.72 -20.90
CA ASN C 197 9.13 14.78 -21.83
C ASN C 197 8.23 14.32 -22.91
N HIS C 198 7.74 15.27 -23.67
CA HIS C 198 6.92 15.03 -24.82
C HIS C 198 7.79 14.70 -26.01
N LEU C 199 7.46 13.66 -26.75
CA LEU C 199 8.15 13.35 -28.03
C LEU C 199 7.10 13.26 -29.12
N CYS C 200 7.32 13.92 -30.27
CA CYS C 200 6.35 13.71 -31.38
C CYS C 200 6.56 12.31 -32.03
N ASP C 201 7.69 11.67 -31.74
CA ASP C 201 7.98 10.27 -32.07
C ASP C 201 8.06 9.43 -30.79
N PRO C 202 6.88 9.09 -30.19
CA PRO C 202 6.91 8.55 -28.79
C PRO C 202 7.34 7.08 -28.71
N ASN C 203 7.85 6.66 -27.55
CA ASN C 203 8.21 5.26 -27.31
C ASN C 203 7.46 4.68 -26.11
N ILE C 204 6.62 5.49 -25.44
CA ILE C 204 5.79 4.97 -24.38
C ILE C 204 4.38 5.49 -24.56
N ILE C 205 3.44 4.78 -23.99
CA ILE C 205 2.06 5.24 -23.98
C ILE C 205 1.39 5.15 -22.58
N PRO C 206 0.53 6.11 -22.23
CA PRO C 206 -0.28 6.05 -20.98
C PRO C 206 -1.54 5.21 -21.14
N VAL C 207 -1.79 4.39 -20.10
CA VAL C 207 -2.96 3.49 -20.04
C VAL C 207 -3.64 3.65 -18.68
N ARG C 208 -4.95 3.79 -18.69
CA ARG C 208 -5.73 3.85 -17.46
C ARG C 208 -5.91 2.47 -16.85
N VAL C 209 -5.62 2.38 -15.55
CA VAL C 209 -5.54 1.12 -14.83
C VAL C 209 -6.23 1.20 -13.46
N PHE C 210 -7.05 0.18 -13.15
CA PHE C 210 -7.63 -0.02 -11.79
C PHE C 210 -6.98 -1.20 -11.07
N MET C 211 -6.76 -1.01 -9.78
CA MET C 211 -6.09 -2.02 -8.98
C MET C 211 -6.77 -2.18 -7.67
N LEU C 212 -6.38 -1.44 -6.63
CA LEU C 212 -6.98 -1.64 -5.30
C LEU C 212 -8.37 -1.06 -5.11
N HIS C 213 -8.86 -0.25 -6.03
CA HIS C 213 -10.16 0.28 -5.99
C HIS C 213 -10.58 0.38 -7.45
N GLN C 214 -11.88 0.52 -7.63
CA GLN C 214 -12.52 0.69 -8.97
C GLN C 214 -13.40 1.93 -9.09
N ASP C 215 -12.97 2.97 -8.42
CA ASP C 215 -13.64 4.30 -8.50
C ASP C 215 -13.27 4.93 -9.82
N LEU C 216 -14.24 4.99 -10.70
CA LEU C 216 -13.96 5.32 -12.09
C LEU C 216 -13.44 6.79 -12.27
N ARG C 217 -13.60 7.60 -11.26
CA ARG C 217 -13.08 8.97 -11.29
C ARG C 217 -11.56 8.97 -11.23
N PHE C 218 -10.97 7.87 -10.74
CA PHE C 218 -9.54 7.87 -10.36
C PHE C 218 -8.81 6.70 -10.93
N PRO C 219 -8.84 6.59 -12.26
CA PRO C 219 -7.92 5.68 -12.85
C PRO C 219 -6.45 6.04 -12.53
N ARG C 220 -5.58 5.04 -12.47
CA ARG C 220 -4.19 5.29 -12.29
C ARG C 220 -3.51 5.19 -13.68
N ILE C 221 -2.49 6.02 -13.87
CA ILE C 221 -1.91 6.18 -15.20
C ILE C 221 -0.64 5.41 -15.30
N ALA C 222 -0.66 4.32 -16.11
CA ALA C 222 0.50 3.49 -16.32
C ALA C 222 1.20 3.74 -17.66
N PHE C 223 2.52 3.95 -17.66
CA PHE C 223 3.26 4.02 -18.93
C PHE C 223 3.78 2.61 -19.28
N PHE C 224 3.53 2.24 -20.53
CA PHE C 224 4.20 1.15 -21.14
C PHE C 224 4.88 1.45 -22.47
N SER C 225 5.93 0.68 -22.76
CA SER C 225 6.74 0.88 -23.97
C SER C 225 5.88 0.48 -25.17
N SER C 226 5.87 1.32 -26.19
CA SER C 226 5.04 1.09 -27.37
C SER C 226 5.90 0.41 -28.45
N ARG C 227 7.22 0.28 -28.20
CA ARG C 227 8.18 -0.44 -29.05
C ARG C 227 9.39 -0.87 -28.24
N ASP C 228 10.25 -1.65 -28.87
CA ASP C 228 11.49 -2.05 -28.21
C ASP C 228 12.30 -0.81 -28.04
N ILE C 229 12.91 -0.65 -26.87
CA ILE C 229 13.71 0.55 -26.55
C ILE C 229 15.14 0.12 -26.26
N ARG C 230 16.12 0.85 -26.83
CA ARG C 230 17.52 0.61 -26.63
C ARG C 230 18.06 1.31 -25.41
N THR C 231 19.09 0.72 -24.81
CA THR C 231 19.77 1.34 -23.68
C THR C 231 20.15 2.78 -24.01
N GLY C 232 19.94 3.69 -23.06
CA GLY C 232 20.26 5.10 -23.25
C GLY C 232 19.19 5.93 -23.95
N GLU C 233 18.18 5.31 -24.57
CA GLU C 233 17.14 6.11 -25.23
C GLU C 233 16.26 6.94 -24.27
N GLU C 234 16.05 8.21 -24.63
CA GLU C 234 15.10 9.04 -23.89
C GLU C 234 13.70 8.44 -23.99
N LEU C 235 13.01 8.39 -22.84
CA LEU C 235 11.64 8.00 -22.85
C LEU C 235 10.80 9.20 -23.06
N GLY C 236 9.70 8.99 -23.76
CA GLY C 236 8.76 10.04 -23.99
C GLY C 236 7.47 9.59 -24.61
N PHE C 237 6.40 10.34 -24.31
CA PHE C 237 5.08 10.10 -24.81
C PHE C 237 4.51 11.30 -25.49
N ASP C 238 3.37 11.08 -26.17
CA ASP C 238 2.62 12.18 -26.77
C ASP C 238 1.69 12.81 -25.75
N TYR C 239 2.07 13.98 -25.23
CA TYR C 239 1.25 14.75 -24.27
C TYR C 239 -0.13 15.02 -24.80
N GLY C 240 -0.28 15.19 -26.11
CA GLY C 240 -1.60 15.39 -26.75
C GLY C 240 -2.05 16.86 -26.97
N ASP C 241 -3.18 17.07 -27.65
CA ASP C 241 -3.59 18.45 -28.01
C ASP C 241 -4.19 19.30 -26.87
N ARG C 242 -4.77 18.64 -25.85
CA ARG C 242 -5.17 19.35 -24.63
C ARG C 242 -3.98 20.02 -23.89
N PHE C 243 -2.76 19.61 -24.22
CA PHE C 243 -1.59 20.19 -23.69
C PHE C 243 -1.11 21.28 -24.66
N TRP C 244 -0.76 20.88 -25.90
CA TRP C 244 -0.14 21.80 -26.82
C TRP C 244 -1.00 23.01 -27.24
N ASP C 245 -2.29 22.85 -27.35
CA ASP C 245 -3.16 23.98 -27.73
C ASP C 245 -3.02 25.19 -26.85
N ILE C 246 -2.78 24.93 -25.57
CA ILE C 246 -2.57 25.95 -24.57
C ILE C 246 -1.10 26.27 -24.52
N LYS C 247 -0.23 25.26 -24.46
CA LYS C 247 1.18 25.57 -24.17
C LYS C 247 1.94 26.20 -25.37
N SER C 248 1.50 25.98 -26.61
CA SER C 248 2.24 26.52 -27.78
C SER C 248 2.41 28.03 -27.72
N LYS C 249 1.44 28.71 -27.10
CA LYS C 249 1.56 30.15 -26.81
C LYS C 249 2.83 30.56 -26.04
N TYR C 250 3.42 29.65 -25.25
CA TYR C 250 4.52 30.00 -24.34
C TYR C 250 5.86 29.43 -24.75
N PHE C 251 5.83 28.25 -25.37
CA PHE C 251 7.01 27.60 -25.92
C PHE C 251 6.52 26.57 -26.94
N THR C 252 7.44 26.13 -27.76
CA THR C 252 7.19 25.14 -28.78
C THR C 252 8.11 23.91 -28.62
N CYS C 253 7.83 22.88 -29.40
CA CYS C 253 8.51 21.60 -29.22
C CYS C 253 9.94 21.56 -29.66
N GLN C 254 10.78 21.02 -28.81
CA GLN C 254 12.18 20.91 -29.10
C GLN C 254 12.58 19.48 -29.38
N CYS C 255 11.63 18.57 -29.63
CA CYS C 255 12.01 17.13 -29.72
C CYS C 255 12.94 16.83 -30.85
N GLY C 256 12.86 17.66 -31.90
CA GLY C 256 13.83 17.62 -32.99
C GLY C 256 13.54 16.49 -33.97
N SER C 257 12.34 15.89 -33.90
CA SER C 257 12.02 14.83 -34.86
C SER C 257 11.66 15.49 -36.19
N GLU C 258 11.87 14.73 -37.26
CA GLU C 258 11.39 15.16 -38.57
C GLU C 258 9.85 15.07 -38.66
N LYS C 259 9.22 14.22 -37.85
CA LYS C 259 7.76 14.19 -37.74
C LYS C 259 7.21 15.28 -36.80
N CYS C 260 8.03 16.23 -36.29
CA CYS C 260 7.56 17.10 -35.21
C CYS C 260 6.35 17.93 -35.64
N LYS C 261 5.30 17.88 -34.83
CA LYS C 261 4.05 18.53 -35.13
C LYS C 261 3.90 19.79 -34.33
N HIS C 262 4.84 20.11 -33.43
CA HIS C 262 4.61 21.19 -32.45
C HIS C 262 5.72 22.16 -32.34
N SER C 263 6.68 22.08 -33.27
CA SER C 263 7.79 23.04 -33.34
C SER C 263 7.28 24.40 -33.83
N ALA C 264 8.09 25.44 -33.64
CA ALA C 264 7.75 26.78 -34.11
C ALA C 264 7.51 26.75 -35.60
N GLU C 265 8.35 26.00 -36.30
CA GLU C 265 8.22 25.82 -37.75
C GLU C 265 6.89 25.16 -38.18
N ALA C 266 6.63 23.96 -37.61
CA ALA C 266 5.36 23.27 -37.92
C ALA C 266 4.13 24.12 -37.69
N ILE C 267 4.12 24.91 -36.62
CA ILE C 267 2.95 25.78 -36.36
C ILE C 267 2.90 26.95 -37.36
N ALA C 268 4.05 27.58 -37.59
CA ALA C 268 4.17 28.64 -38.64
C ALA C 268 3.72 28.16 -40.02
N LEU C 269 4.13 26.95 -40.42
CA LEU C 269 3.70 26.33 -41.70
C LEU C 269 2.21 26.05 -41.75
N GLU C 270 1.65 25.60 -40.64
CA GLU C 270 0.23 25.35 -40.56
C GLU C 270 -0.60 26.64 -40.58
N GLN C 271 -0.17 27.69 -39.88
CA GLN C 271 -0.84 28.99 -40.01
C GLN C 271 -0.95 29.42 -41.49
N SER C 272 0.09 29.18 -42.29
CA SER C 272 -0.04 29.25 -43.78
C SER C 272 -1.04 28.18 -44.27
N ARG C 273 -2.30 28.45 -43.97
CA ARG C 273 -3.43 27.59 -44.21
C ARG C 273 -4.34 28.56 -44.94
N LEU C 274 -4.08 28.74 -46.25
CA LEU C 274 -4.76 29.78 -47.03
C LEU C 274 -4.56 29.56 -48.52
N THR D 1 -13.03 24.09 -24.43
CA THR D 1 -11.62 23.91 -23.96
C THR D 1 -11.45 24.36 -22.48
N LYS D 2 -10.22 24.25 -21.96
CA LYS D 2 -9.90 24.58 -20.57
C LYS D 2 -8.86 25.70 -20.43
N GLN D 3 -8.79 26.27 -19.23
CA GLN D 3 -7.86 27.35 -18.93
C GLN D 3 -6.42 26.88 -18.86
N THR D 4 -6.21 25.62 -18.46
CA THR D 4 -4.84 25.14 -18.23
C THR D 4 -4.60 23.95 -19.09
N ALA D 5 -3.31 23.72 -19.33
CA ALA D 5 -2.83 22.64 -20.18
C ALA D 5 -2.95 21.30 -19.42
N ARG D 6 -3.25 20.26 -20.15
CA ARG D 6 -3.52 18.95 -19.58
C ARG D 6 -2.96 17.86 -20.46
N MET D 7 -2.12 16.99 -19.93
CA MET D 7 -1.70 15.78 -20.65
C MET D 7 -2.89 14.83 -20.58
N SER D 8 -2.94 13.85 -21.48
CA SER D 8 -4.13 12.94 -21.56
C SER D 8 -3.81 11.62 -22.22
N THR D 9 -4.66 10.60 -22.01
CA THR D 9 -4.56 9.28 -22.68
C THR D 9 -5.28 9.31 -24.03
ZN ZN E . 9.48 11.16 9.96
ZN ZN F . 12.99 11.63 11.24
ZN ZN G . 12.21 8.70 9.05
ZN ZN H . -6.34 -18.62 30.89
N SAM I . -9.31 -20.15 18.00
CA SAM I . -9.83 -19.24 16.98
C SAM I . -10.16 -20.01 15.75
O SAM I . -10.51 -19.29 14.78
OXT SAM I . -10.12 -21.28 15.73
CB SAM I . -8.86 -18.05 16.73
CG SAM I . -9.00 -16.95 17.78
SD SAM I . -10.41 -15.99 17.71
CE SAM I . -9.89 -14.42 17.63
C5' SAM I . -11.05 -15.94 19.27
C4' SAM I . -11.86 -17.17 19.62
O4' SAM I . -11.03 -18.35 19.77
C3' SAM I . -12.61 -17.07 20.95
O3' SAM I . -13.92 -16.44 20.88
C2' SAM I . -12.70 -18.50 21.36
O2' SAM I . -13.68 -19.19 20.60
C1' SAM I . -11.35 -19.08 20.98
N9 SAM I . -10.33 -18.80 22.04
C8 SAM I . -9.32 -17.93 22.01
N7 SAM I . -8.58 -17.95 23.16
C5 SAM I . -9.18 -18.90 23.88
C6 SAM I . -8.87 -19.46 25.20
N6 SAM I . -7.82 -18.88 25.81
N1 SAM I . -9.68 -20.45 25.66
C2 SAM I . -10.69 -20.91 24.94
N3 SAM I . -10.99 -20.43 23.71
C4 SAM I . -10.27 -19.45 23.16
ZN ZN J . -9.12 -11.03 -10.41
ZN ZN K . -5.74 -12.81 -10.49
ZN ZN L . -8.66 -14.27 -12.31
ZN ZN M . 8.20 17.62 -31.52
N SAM N . 11.58 18.83 -18.72
CA SAM N . 10.72 18.89 -17.52
C SAM N . 11.56 19.32 -16.34
O SAM N . 10.97 19.32 -15.23
OXT SAM N . 12.76 19.68 -16.52
CB SAM N . 9.99 17.56 -17.21
CG SAM N . 8.67 17.37 -17.93
SD SAM N . 7.32 18.28 -17.50
CE SAM N . 6.05 17.24 -17.30
C5' SAM N . 6.74 19.08 -18.87
C4' SAM N . 7.58 20.33 -19.26
O4' SAM N . 8.88 19.97 -19.78
C3' SAM N . 6.98 21.24 -20.33
O3' SAM N . 6.12 22.27 -19.84
C2' SAM N . 8.21 21.95 -20.85
O2' SAM N . 8.63 23.02 -19.98
C1' SAM N . 9.24 20.81 -20.88
N9 SAM N . 9.06 19.98 -22.11
C8 SAM N . 8.66 18.69 -22.13
N7 SAM N . 8.66 18.17 -23.39
C5 SAM N . 9.02 19.19 -24.18
C6 SAM N . 9.20 19.30 -25.62
N6 SAM N . 8.94 18.24 -26.37
N1 SAM N . 9.64 20.53 -26.08
C2 SAM N . 9.87 21.59 -25.26
N3 SAM N . 9.73 21.52 -23.92
C4 SAM N . 9.33 20.34 -23.35
#